data_5MOR
#
_entry.id   5MOR
#
_cell.length_a   54.841
_cell.length_b   58.334
_cell.length_c   67.781
_cell.angle_alpha   90.00
_cell.angle_beta   90.00
_cell.angle_gamma   90.00
#
_symmetry.space_group_name_H-M   'P 21 21 21'
#
loop_
_entity.id
_entity.type
_entity.pdbx_description
1 polymer 'Cationic trypsin'
2 non-polymer 'CALCIUM ION'
3 non-polymer (phenylmethyl)azanium
4 non-polymer 'SULFATE ION'
5 water water
#
_entity_poly.entity_id   1
_entity_poly.type   'polypeptide(L)'
_entity_poly.pdbx_seq_one_letter_code
;IVGGYTCGANTVPYQVSLNSGYHFCGGSLINSQWVVSAAHCYKSGIQVRLGEDNINVVEGNEQFISASKSIVHPSYNSNT
LNNDIMLIKLKSAASLNSRVASISLPTSCASAGTQCLISGWGNTKSSGTSYPDVLKCLKAPILSDSSCKSAYPGQITSNM
FCAGYLEGGKDSCQGDSGGPVVCSGKLQGIVSWGSGCAQKNKPGVYTKVCNYVSWIKQTIASN
;
_entity_poly.pdbx_strand_id   A
#
loop_
_chem_comp.id
_chem_comp.type
_chem_comp.name
_chem_comp.formula
CA non-polymer 'CALCIUM ION' 'Ca 2'
SO4 non-polymer 'SULFATE ION' 'O4 S -2'
UFZ non-polymer (phenylmethyl)azanium 'C7 H10 N 1'
#
# COMPACT_ATOMS: atom_id res chain seq x y z
N ILE A 1 -7.26 8.33 3.15
CA ILE A 1 -7.68 7.67 4.41
C ILE A 1 -8.85 8.47 4.98
N VAL A 2 -9.96 7.78 5.23
CA VAL A 2 -11.16 8.35 5.82
C VAL A 2 -11.17 7.95 7.29
N GLY A 3 -11.38 8.92 8.18
CA GLY A 3 -11.52 8.60 9.59
C GLY A 3 -10.24 8.29 10.31
N GLY A 4 -9.10 8.68 9.74
CA GLY A 4 -7.81 8.45 10.36
C GLY A 4 -7.30 9.63 11.15
N TYR A 5 -5.99 9.63 11.37
CA TYR A 5 -5.30 10.64 12.15
C TYR A 5 -4.04 11.06 11.41
N THR A 6 -3.55 12.24 11.72
CA THR A 6 -2.30 12.71 11.14
C THR A 6 -1.14 11.90 11.72
N CYS A 7 -0.38 11.20 10.87
CA CYS A 7 0.65 10.30 11.39
C CYS A 7 1.70 11.05 12.21
N GLY A 8 2.15 12.18 11.70
CA GLY A 8 3.31 12.89 12.17
C GLY A 8 4.45 12.69 11.19
N ALA A 9 5.28 13.72 11.03
CA ALA A 9 6.30 13.69 9.99
C ALA A 9 7.29 12.54 10.19
N ASN A 10 7.44 11.73 9.14
CA ASN A 10 8.45 10.67 9.07
C ASN A 10 8.27 9.60 10.12
N THR A 11 7.06 9.44 10.63
CA THR A 11 6.77 8.35 11.56
C THR A 11 6.45 7.03 10.86
N VAL A 12 6.30 7.06 9.54
CA VAL A 12 6.02 5.87 8.73
C VAL A 12 7.14 5.84 7.67
N PRO A 13 8.34 5.41 8.05
CA PRO A 13 9.52 5.76 7.25
C PRO A 13 9.66 4.99 5.94
N TYR A 14 8.90 3.94 5.79
CA TYR A 14 8.86 3.10 4.60
C TYR A 14 7.82 3.56 3.59
N GLN A 15 6.99 4.54 3.93
CA GLN A 15 5.96 5.02 3.01
C GLN A 15 6.58 5.85 1.90
N VAL A 16 6.26 5.53 0.64
N VAL A 16 6.14 5.56 0.67
CA VAL A 16 6.68 6.36 -0.48
CA VAL A 16 6.55 6.18 -0.57
C VAL A 16 5.45 6.90 -1.22
C VAL A 16 5.37 6.96 -1.15
N SER A 17 5.67 8.03 -1.89
CA SER A 17 4.73 8.62 -2.83
C SER A 17 5.25 8.38 -4.23
N LEU A 18 4.41 7.87 -5.10
CA LEU A 18 4.72 7.73 -6.53
C LEU A 18 4.22 8.98 -7.23
N ASN A 19 5.11 9.63 -7.98
CA ASN A 19 4.85 10.94 -8.56
C ASN A 19 5.09 10.89 -10.07
N SER A 20 4.11 11.38 -10.81
CA SER A 20 4.23 11.54 -12.27
C SER A 20 3.90 12.96 -12.66
N GLY A 21 4.41 13.91 -11.91
CA GLY A 21 3.99 15.30 -11.99
C GLY A 21 3.09 15.72 -10.85
N TYR A 22 2.62 14.73 -10.09
CA TYR A 22 1.63 14.83 -9.03
C TYR A 22 1.66 13.47 -8.33
N HIS A 23 1.25 13.45 -7.06
CA HIS A 23 1.09 12.19 -6.35
C HIS A 23 -0.07 11.40 -6.96
N PHE A 24 0.15 10.12 -7.23
CA PHE A 24 -0.95 9.29 -7.73
C PHE A 24 -1.13 7.97 -7.02
N CYS A 25 -0.17 7.49 -6.24
CA CYS A 25 -0.30 6.21 -5.55
C CYS A 25 0.76 6.20 -4.46
N GLY A 26 0.54 5.34 -3.48
CA GLY A 26 1.56 5.02 -2.49
C GLY A 26 2.38 3.81 -2.89
N GLY A 27 3.31 3.48 -2.00
CA GLY A 27 4.15 2.31 -2.13
C GLY A 27 4.92 2.14 -0.83
N SER A 28 5.69 1.06 -0.77
CA SER A 28 6.49 0.72 0.41
C SER A 28 7.92 0.41 -0.01
N LEU A 29 8.88 0.96 0.70
CA LEU A 29 10.29 0.67 0.48
C LEU A 29 10.64 -0.65 1.15
N ILE A 30 11.10 -1.63 0.38
CA ILE A 30 11.44 -2.94 0.94
C ILE A 30 12.93 -3.21 1.01
N ASN A 31 13.75 -2.43 0.33
CA ASN A 31 15.19 -2.40 0.55
CA ASN A 31 15.19 -2.40 0.55
C ASN A 31 15.67 -1.10 -0.10
N SER A 32 16.98 -0.88 -0.10
CA SER A 32 17.47 0.42 -0.57
C SER A 32 17.17 0.71 -2.03
N GLN A 33 16.85 -0.31 -2.85
CA GLN A 33 16.65 -0.07 -4.27
C GLN A 33 15.30 -0.52 -4.83
N TRP A 34 14.38 -0.99 -3.99
CA TRP A 34 13.14 -1.57 -4.49
C TRP A 34 11.95 -1.10 -3.66
N VAL A 35 10.86 -0.83 -4.40
CA VAL A 35 9.58 -0.43 -3.86
C VAL A 35 8.52 -1.43 -4.31
N VAL A 36 7.59 -1.75 -3.39
N VAL A 36 7.58 -1.73 -3.45
CA VAL A 36 6.36 -2.52 -3.68
CA VAL A 36 6.43 -2.55 -3.84
C VAL A 36 5.19 -1.54 -3.82
C VAL A 36 5.17 -1.69 -3.77
N SER A 37 4.33 -1.81 -4.80
CA SER A 37 3.09 -1.04 -4.93
C SER A 37 2.03 -1.95 -5.55
N ALA A 38 0.91 -1.36 -5.95
CA ALA A 38 -0.16 -2.08 -6.61
C ALA A 38 0.07 -2.05 -8.12
N ALA A 39 -0.21 -3.18 -8.79
CA ALA A 39 -0.16 -3.22 -10.26
C ALA A 39 -1.10 -2.20 -10.91
N HIS A 40 -2.23 -1.92 -10.28
CA HIS A 40 -3.16 -0.97 -10.89
C HIS A 40 -2.62 0.46 -10.85
N CYS A 41 -1.52 0.69 -10.14
CA CYS A 41 -0.82 1.96 -10.13
C CYS A 41 0.20 2.08 -11.26
N TYR A 42 0.36 1.08 -12.10
CA TYR A 42 1.37 1.12 -13.15
CA TYR A 42 1.37 1.13 -13.14
C TYR A 42 1.20 2.35 -14.05
N LYS A 43 2.31 3.00 -14.34
CA LYS A 43 2.40 3.93 -15.45
C LYS A 43 3.87 4.09 -15.77
N SER A 44 4.14 4.66 -16.93
CA SER A 44 5.52 5.01 -17.26
C SER A 44 5.89 6.36 -16.64
N GLY A 45 7.17 6.56 -16.40
CA GLY A 45 7.62 7.87 -15.95
C GLY A 45 7.41 8.14 -14.47
N ILE A 46 7.69 7.16 -13.64
CA ILE A 46 7.49 7.27 -12.20
C ILE A 46 8.74 7.83 -11.55
N GLN A 47 8.54 8.84 -10.69
CA GLN A 47 9.54 9.27 -9.72
C GLN A 47 9.07 8.81 -8.35
N VAL A 48 9.94 8.17 -7.60
CA VAL A 48 9.64 7.74 -6.26
C VAL A 48 10.10 8.81 -5.28
N ARG A 49 9.22 9.20 -4.36
CA ARG A 49 9.52 10.24 -3.39
C ARG A 49 9.49 9.62 -2.00
N LEU A 50 10.66 9.61 -1.38
CA LEU A 50 10.91 9.04 -0.07
C LEU A 50 11.03 10.19 0.93
N GLY A 51 10.80 9.87 2.22
CA GLY A 51 11.00 10.87 3.25
C GLY A 51 9.99 11.98 3.27
N GLU A 52 8.83 11.78 2.66
CA GLU A 52 7.80 12.81 2.57
C GLU A 52 6.90 12.85 3.79
N ASP A 53 6.50 14.07 4.14
CA ASP A 53 5.32 14.29 4.97
C ASP A 53 4.36 15.16 4.17
N ASN A 54 4.59 16.46 4.10
CA ASN A 54 3.80 17.32 3.23
C ASN A 54 4.32 17.17 1.80
N ILE A 55 3.48 16.62 0.92
CA ILE A 55 3.89 16.36 -0.47
C ILE A 55 3.94 17.60 -1.34
N ASN A 56 3.52 18.76 -0.81
CA ASN A 56 3.54 20.03 -1.52
C ASN A 56 4.60 21.01 -1.02
N VAL A 57 5.39 20.64 -0.01
CA VAL A 57 6.39 21.51 0.58
C VAL A 57 7.67 20.70 0.73
N VAL A 58 8.81 21.29 0.37
CA VAL A 58 10.11 20.64 0.61
C VAL A 58 10.48 20.95 2.05
N GLU A 59 10.51 19.91 2.88
CA GLU A 59 10.73 20.04 4.32
C GLU A 59 12.11 19.63 4.77
N GLY A 60 12.87 18.92 3.94
CA GLY A 60 14.27 18.66 4.20
C GLY A 60 14.69 17.21 4.32
N ASN A 61 13.76 16.26 4.40
CA ASN A 61 14.14 14.84 4.52
C ASN A 61 13.83 14.04 3.26
N GLU A 62 13.42 14.71 2.20
CA GLU A 62 13.03 14.03 0.98
C GLU A 62 14.22 13.47 0.21
N GLN A 63 13.98 12.35 -0.47
CA GLN A 63 14.83 11.85 -1.53
C GLN A 63 13.94 11.56 -2.73
N PHE A 64 14.29 12.11 -3.88
CA PHE A 64 13.51 11.94 -5.10
C PHE A 64 14.36 11.11 -6.06
N ILE A 65 13.89 9.93 -6.45
CA ILE A 65 14.68 9.00 -7.24
C ILE A 65 13.79 8.42 -8.33
N SER A 66 14.24 8.49 -9.57
CA SER A 66 13.45 7.96 -10.68
C SER A 66 13.50 6.45 -10.70
N ALA A 67 12.43 5.84 -11.22
CA ALA A 67 12.41 4.40 -11.44
C ALA A 67 13.21 4.03 -12.70
N SER A 68 13.95 2.94 -12.61
CA SER A 68 14.62 2.38 -13.76
C SER A 68 13.86 1.25 -14.43
N LYS A 69 13.06 0.51 -13.67
CA LYS A 69 12.31 -0.62 -14.19
C LYS A 69 11.07 -0.81 -13.33
N SER A 70 9.99 -1.21 -13.95
CA SER A 70 8.77 -1.62 -13.25
C SER A 70 8.42 -3.02 -13.70
N ILE A 71 7.97 -3.85 -12.75
CA ILE A 71 7.60 -5.23 -13.03
C ILE A 71 6.23 -5.49 -12.41
N VAL A 72 5.21 -5.57 -13.26
CA VAL A 72 3.88 -5.96 -12.83
C VAL A 72 3.84 -7.48 -12.69
N HIS A 73 3.12 -7.98 -11.69
CA HIS A 73 3.01 -9.41 -11.47
C HIS A 73 2.62 -10.11 -12.77
N PRO A 74 3.20 -11.28 -13.05
CA PRO A 74 2.89 -11.99 -14.30
C PRO A 74 1.43 -12.31 -14.49
N SER A 75 0.69 -12.50 -13.41
CA SER A 75 -0.69 -12.94 -13.46
C SER A 75 -1.68 -11.86 -13.05
N TYR A 76 -1.26 -10.59 -13.02
CA TYR A 76 -2.19 -9.52 -12.72
C TYR A 76 -3.36 -9.52 -13.70
N ASN A 77 -4.57 -9.42 -13.15
CA ASN A 77 -5.81 -9.31 -13.93
C ASN A 77 -6.47 -7.99 -13.56
N SER A 78 -6.49 -7.06 -14.50
CA SER A 78 -7.02 -5.72 -14.22
C SER A 78 -8.54 -5.71 -14.08
N ASN A 79 -9.23 -6.74 -14.53
CA ASN A 79 -10.67 -6.78 -14.37
C ASN A 79 -11.07 -7.20 -12.97
N THR A 80 -10.39 -8.19 -12.40
CA THR A 80 -10.73 -8.70 -11.07
C THR A 80 -9.84 -8.16 -9.96
N LEU A 81 -8.71 -7.56 -10.33
CA LEU A 81 -7.67 -7.08 -9.43
C LEU A 81 -6.99 -8.20 -8.69
N ASN A 82 -7.09 -9.43 -9.18
CA ASN A 82 -6.29 -10.50 -8.62
C ASN A 82 -4.83 -10.27 -8.96
N ASN A 83 -3.96 -10.51 -7.97
CA ASN A 83 -2.52 -10.32 -8.11
C ASN A 83 -2.15 -8.85 -8.34
N ASP A 84 -2.78 -7.98 -7.55
CA ASP A 84 -2.57 -6.52 -7.68
C ASP A 84 -1.30 -6.11 -6.93
N ILE A 85 -0.16 -6.36 -7.56
CA ILE A 85 1.15 -6.11 -6.98
C ILE A 85 2.14 -5.85 -8.09
N MET A 86 3.04 -4.91 -7.85
N MET A 86 3.10 -4.95 -7.82
CA MET A 86 4.15 -4.64 -8.76
CA MET A 86 4.10 -4.51 -8.78
C MET A 86 5.37 -4.24 -7.95
C MET A 86 5.36 -4.14 -8.00
N LEU A 87 6.51 -4.39 -8.60
CA LEU A 87 7.80 -3.99 -8.06
C LEU A 87 8.38 -2.87 -8.92
N ILE A 88 9.03 -1.92 -8.27
CA ILE A 88 9.69 -0.79 -8.93
C ILE A 88 11.13 -0.75 -8.45
N LYS A 89 12.06 -0.77 -9.39
CA LYS A 89 13.48 -0.62 -9.05
C LYS A 89 13.87 0.85 -9.22
N LEU A 90 14.60 1.36 -8.24
CA LEU A 90 15.11 2.72 -8.27
C LEU A 90 16.41 2.80 -9.07
N LYS A 91 16.61 3.93 -9.76
CA LYS A 91 17.83 4.11 -10.54
C LYS A 91 19.08 4.14 -9.69
N SER A 92 18.98 4.58 -8.44
CA SER A 92 20.09 4.57 -7.50
C SER A 92 19.53 4.20 -6.14
N ALA A 93 20.39 3.68 -5.28
CA ALA A 93 19.95 3.30 -3.94
C ALA A 93 19.61 4.51 -3.10
N ALA A 94 18.56 4.36 -2.32
CA ALA A 94 18.21 5.38 -1.35
C ALA A 94 19.20 5.33 -0.19
N SER A 95 19.29 6.42 0.55
CA SER A 95 20.11 6.51 1.74
CA SER A 95 20.11 6.51 1.74
C SER A 95 19.19 6.25 2.93
N LEU A 96 19.43 5.14 3.62
CA LEU A 96 18.56 4.74 4.72
C LEU A 96 19.06 5.30 6.06
N ASN A 97 18.09 5.67 6.92
CA ASN A 97 18.28 6.33 8.24
C ASN A 97 17.01 6.12 9.08
N SER A 98 16.81 6.88 10.17
CA SER A 98 15.59 6.65 10.96
C SER A 98 14.33 7.14 10.26
N ARG A 99 14.44 8.14 9.40
CA ARG A 99 13.28 8.75 8.73
C ARG A 99 12.98 8.15 7.37
N VAL A 100 13.92 7.41 6.80
CA VAL A 100 13.73 6.71 5.52
C VAL A 100 14.30 5.32 5.74
N ALA A 101 13.43 4.32 5.76
CA ALA A 101 13.81 2.98 6.19
C ALA A 101 12.95 1.99 5.44
N SER A 102 13.47 0.79 5.31
CA SER A 102 12.70 -0.28 4.68
C SER A 102 11.81 -0.98 5.69
N ILE A 103 10.79 -1.64 5.15
CA ILE A 103 9.88 -2.49 5.93
C ILE A 103 10.14 -3.94 5.55
N SER A 104 10.18 -4.81 6.54
CA SER A 104 10.42 -6.22 6.31
CA SER A 104 10.43 -6.22 6.32
C SER A 104 9.24 -6.92 5.67
N LEU A 105 9.56 -7.92 4.86
CA LEU A 105 8.57 -8.79 4.29
C LEU A 105 8.18 -9.82 5.32
N PRO A 106 6.97 -10.34 5.26
CA PRO A 106 6.50 -11.29 6.26
C PRO A 106 7.08 -12.67 6.05
N THR A 107 7.24 -13.41 7.13
N THR A 107 7.19 -13.37 7.18
CA THR A 107 7.51 -14.83 6.94
CA THR A 107 7.58 -14.77 7.29
C THR A 107 6.25 -15.68 7.05
C THR A 107 6.38 -15.69 7.31
N SER A 108 5.22 -15.16 7.72
CA SER A 108 3.96 -15.86 7.82
C SER A 108 2.85 -14.88 7.52
N CYS A 109 1.72 -15.43 7.16
CA CYS A 109 0.53 -14.63 6.89
C CYS A 109 -0.15 -14.25 8.19
N ALA A 110 -0.68 -13.05 8.24
CA ALA A 110 -1.34 -12.57 9.43
C ALA A 110 -2.76 -13.11 9.50
N SER A 111 -3.22 -13.35 10.71
CA SER A 111 -4.55 -13.88 10.94
CA SER A 111 -4.55 -13.89 10.94
C SER A 111 -5.59 -12.79 11.16
N ALA A 112 -6.85 -13.14 10.91
CA ALA A 112 -7.95 -12.24 11.21
C ALA A 112 -7.88 -11.84 12.68
N GLY A 113 -8.18 -10.58 12.94
CA GLY A 113 -8.13 -10.01 14.28
C GLY A 113 -6.86 -9.26 14.58
N THR A 114 -5.83 -9.44 13.77
CA THR A 114 -4.58 -8.70 13.94
C THR A 114 -4.80 -7.24 13.58
N GLN A 115 -4.26 -6.35 14.40
CA GLN A 115 -4.34 -4.91 14.16
C GLN A 115 -3.19 -4.46 13.29
N CYS A 116 -3.51 -3.62 12.30
CA CYS A 116 -2.53 -3.15 11.36
C CYS A 116 -2.60 -1.63 11.21
N LEU A 117 -1.57 -1.07 10.59
CA LEU A 117 -1.47 0.35 10.29
C LEU A 117 -1.51 0.55 8.78
N ILE A 118 -2.46 1.36 8.32
CA ILE A 118 -2.63 1.71 6.92
C ILE A 118 -2.36 3.20 6.79
N SER A 119 -1.66 3.62 5.75
CA SER A 119 -1.29 5.02 5.63
C SER A 119 -1.35 5.48 4.18
N GLY A 120 -1.55 6.79 4.01
CA GLY A 120 -1.54 7.36 2.66
C GLY A 120 -2.00 8.80 2.62
N TRP A 121 -1.89 9.33 1.41
CA TRP A 121 -2.26 10.70 1.05
C TRP A 121 -3.57 10.76 0.25
N GLY A 122 -4.40 9.72 0.33
CA GLY A 122 -5.63 9.68 -0.41
C GLY A 122 -6.76 10.49 0.19
N ASN A 123 -7.89 10.43 -0.48
CA ASN A 123 -9.08 11.19 -0.13
C ASN A 123 -9.48 10.89 1.31
N THR A 124 -9.91 11.93 2.03
CA THR A 124 -10.32 11.82 3.41
C THR A 124 -11.83 11.86 3.60
N LYS A 125 -12.61 11.90 2.53
CA LYS A 125 -14.07 11.96 2.64
C LYS A 125 -14.73 10.73 1.98
N SER A 126 -15.80 10.26 2.60
CA SER A 126 -16.63 9.19 2.04
C SER A 126 -17.59 9.71 0.98
N SER A 127 -18.00 10.97 1.13
CA SER A 127 -18.80 11.65 0.14
C SER A 127 -18.10 12.96 -0.18
N GLY A 128 -17.83 13.17 -1.45
CA GLY A 128 -17.05 14.32 -1.86
C GLY A 128 -15.57 14.04 -1.82
N THR A 129 -14.80 15.12 -1.86
CA THR A 129 -13.37 15.02 -2.11
CA THR A 129 -13.37 15.02 -2.10
C THR A 129 -12.60 16.07 -1.31
N SER A 130 -11.60 15.61 -0.59
CA SER A 130 -10.64 16.47 0.08
C SER A 130 -9.36 15.69 0.21
N TYR A 131 -8.31 16.15 -0.43
CA TYR A 131 -7.05 15.45 -0.41
C TYR A 131 -6.11 16.18 0.53
N PRO A 132 -5.49 15.45 1.45
CA PRO A 132 -4.61 16.06 2.42
C PRO A 132 -3.23 16.26 1.82
N ASP A 133 -2.51 17.15 2.40
CA ASP A 133 -1.14 17.34 1.99
CA ASP A 133 -1.12 17.33 1.99
C ASP A 133 -0.16 16.54 2.85
N VAL A 134 -0.55 16.18 4.07
CA VAL A 134 0.30 15.44 4.98
C VAL A 134 -0.23 14.01 5.11
N LEU A 135 0.66 13.12 5.56
CA LEU A 135 0.36 11.70 5.58
C LEU A 135 -0.66 11.38 6.69
N LYS A 136 -1.66 10.59 6.34
CA LYS A 136 -2.69 10.14 7.26
C LYS A 136 -2.53 8.65 7.54
N CYS A 137 -2.98 8.26 8.74
CA CYS A 137 -2.79 6.94 9.31
C CYS A 137 -4.13 6.40 9.81
N LEU A 138 -4.25 5.08 9.80
CA LEU A 138 -5.45 4.42 10.31
C LEU A 138 -5.05 3.09 10.90
N LYS A 139 -5.50 2.81 12.12
CA LYS A 139 -5.36 1.48 12.70
C LYS A 139 -6.63 0.70 12.41
N ALA A 140 -6.47 -0.51 11.90
CA ALA A 140 -7.63 -1.31 11.51
C ALA A 140 -7.29 -2.78 11.63
N PRO A 141 -8.27 -3.63 11.98
CA PRO A 141 -8.02 -5.07 12.05
C PRO A 141 -8.27 -5.76 10.72
N ILE A 142 -7.57 -6.88 10.55
CA ILE A 142 -7.88 -7.81 9.48
C ILE A 142 -9.19 -8.51 9.81
N LEU A 143 -10.09 -8.58 8.83
CA LEU A 143 -11.37 -9.25 9.01
C LEU A 143 -11.28 -10.71 8.59
N SER A 144 -12.17 -11.54 9.15
CA SER A 144 -12.20 -12.93 8.76
C SER A 144 -12.50 -13.07 7.27
N ASP A 145 -12.01 -14.16 6.70
CA ASP A 145 -12.28 -14.43 5.29
C ASP A 145 -13.78 -14.57 5.05
N SER A 146 -14.50 -15.17 6.00
CA SER A 146 -15.94 -15.34 5.83
C SER A 146 -16.67 -14.00 5.78
N SER A 147 -16.29 -13.06 6.65
CA SER A 147 -16.92 -11.74 6.60
CA SER A 147 -16.91 -11.74 6.60
C SER A 147 -16.55 -10.99 5.31
N CYS A 148 -15.31 -11.17 4.84
CA CYS A 148 -14.87 -10.50 3.62
C CYS A 148 -15.65 -11.03 2.43
N LYS A 149 -15.79 -12.35 2.34
CA LYS A 149 -16.53 -12.96 1.23
C LYS A 149 -18.01 -12.64 1.30
N SER A 150 -18.54 -12.52 2.49
CA SER A 150 -19.94 -12.12 2.63
CA SER A 150 -19.94 -12.12 2.63
C SER A 150 -20.18 -10.69 2.17
N ALA A 151 -19.21 -9.80 2.38
CA ALA A 151 -19.33 -8.41 1.94
C ALA A 151 -19.20 -8.28 0.42
N TYR A 152 -18.38 -9.11 -0.20
CA TYR A 152 -18.08 -9.05 -1.63
C TYR A 152 -18.25 -10.43 -2.25
N PRO A 153 -19.49 -10.92 -2.37
CA PRO A 153 -19.70 -12.26 -2.91
CA PRO A 153 -19.69 -12.26 -2.90
C PRO A 153 -19.10 -12.38 -4.30
N GLY A 154 -18.39 -13.49 -4.51
CA GLY A 154 -17.88 -13.78 -5.83
C GLY A 154 -16.65 -13.01 -6.25
N GLN A 155 -16.08 -12.20 -5.36
CA GLN A 155 -15.02 -11.29 -5.75
C GLN A 155 -13.70 -11.44 -5.00
N ILE A 156 -13.66 -12.20 -3.94
CA ILE A 156 -12.47 -12.30 -3.08
C ILE A 156 -11.72 -13.57 -3.43
N THR A 157 -10.47 -13.43 -3.84
CA THR A 157 -9.62 -14.58 -4.12
C THR A 157 -8.72 -14.86 -2.91
N SER A 158 -7.97 -15.96 -2.99
CA SER A 158 -7.02 -16.29 -1.94
C SER A 158 -5.89 -15.28 -1.83
N ASN A 159 -5.76 -14.37 -2.78
CA ASN A 159 -4.70 -13.35 -2.78
C ASN A 159 -5.17 -12.02 -2.24
N MET A 160 -6.31 -11.98 -1.55
CA MET A 160 -6.90 -10.76 -1.02
C MET A 160 -7.32 -10.99 0.42
N PHE A 161 -7.33 -9.92 1.20
CA PHE A 161 -7.99 -9.92 2.51
C PHE A 161 -8.70 -8.58 2.69
N CYS A 162 -9.66 -8.58 3.57
CA CYS A 162 -10.35 -7.37 3.97
C CYS A 162 -9.81 -6.88 5.29
N ALA A 163 -9.79 -5.56 5.46
CA ALA A 163 -9.43 -4.96 6.73
C ALA A 163 -10.28 -3.71 6.90
N GLY A 164 -10.59 -3.38 8.14
CA GLY A 164 -11.38 -2.22 8.42
C GLY A 164 -12.53 -2.52 9.36
N TYR A 165 -13.65 -1.89 9.08
CA TYR A 165 -14.78 -1.83 10.00
C TYR A 165 -16.06 -2.00 9.20
N LEU A 166 -16.83 -3.04 9.53
CA LEU A 166 -18.08 -3.27 8.82
C LEU A 166 -19.10 -2.17 9.08
N GLU A 167 -18.98 -1.47 10.22
CA GLU A 167 -19.86 -0.36 10.50
C GLU A 167 -19.58 0.86 9.64
N GLY A 168 -18.46 0.86 8.92
CA GLY A 168 -18.10 1.99 8.11
C GLY A 168 -17.34 3.05 8.90
N GLY A 169 -17.14 4.19 8.25
CA GLY A 169 -16.56 5.38 8.89
C GLY A 169 -15.06 5.53 8.81
N LYS A 170 -14.33 4.43 8.67
CA LYS A 170 -12.87 4.43 8.69
C LYS A 170 -12.41 3.48 7.61
N ASP A 171 -11.58 3.95 6.69
CA ASP A 171 -11.19 3.12 5.54
C ASP A 171 -10.07 3.81 4.78
N SER A 172 -9.44 3.06 3.89
CA SER A 172 -8.58 3.66 2.86
C SER A 172 -9.46 4.17 1.71
N CYS A 173 -8.86 4.95 0.82
CA CYS A 173 -9.64 5.57 -0.25
C CYS A 173 -8.76 5.89 -1.45
N GLN A 174 -9.38 6.45 -2.49
CA GLN A 174 -8.67 6.80 -3.71
C GLN A 174 -7.43 7.62 -3.38
N GLY A 175 -6.31 7.27 -4.00
CA GLY A 175 -5.05 7.93 -3.74
C GLY A 175 -4.19 7.25 -2.70
N ASP A 176 -4.80 6.35 -1.90
CA ASP A 176 -4.06 5.50 -0.98
C ASP A 176 -3.53 4.24 -1.66
N SER A 177 -4.07 3.90 -2.83
CA SER A 177 -3.73 2.67 -3.54
C SER A 177 -2.24 2.50 -3.65
N GLY A 178 -1.82 1.24 -3.48
CA GLY A 178 -0.43 0.89 -3.54
C GLY A 178 0.31 0.98 -2.23
N GLY A 179 -0.29 1.65 -1.25
CA GLY A 179 0.39 1.88 0.00
C GLY A 179 0.33 0.70 0.94
N PRO A 180 1.01 0.86 2.08
CA PRO A 180 1.24 -0.26 2.99
C PRO A 180 0.11 -0.53 3.98
N VAL A 181 0.02 -1.82 4.32
CA VAL A 181 -0.71 -2.32 5.49
C VAL A 181 0.34 -3.09 6.29
N VAL A 182 0.71 -2.57 7.45
CA VAL A 182 1.80 -3.13 8.26
C VAL A 182 1.22 -3.66 9.54
N CYS A 183 1.58 -4.89 9.88
CA CYS A 183 1.05 -5.56 11.05
C CYS A 183 2.23 -6.20 11.74
N SER A 184 2.38 -5.93 13.04
CA SER A 184 3.48 -6.49 13.80
C SER A 184 4.83 -6.26 13.11
N GLY A 185 5.01 -5.06 12.57
CA GLY A 185 6.28 -4.70 12.00
C GLY A 185 6.62 -5.31 10.65
N LYS A 186 5.66 -5.95 9.98
CA LYS A 186 5.89 -6.55 8.67
C LYS A 186 4.84 -6.05 7.68
N LEU A 187 5.22 -6.02 6.42
CA LEU A 187 4.31 -5.63 5.34
C LEU A 187 3.39 -6.80 5.01
N GLN A 188 2.11 -6.68 5.37
CA GLN A 188 1.16 -7.74 5.10
C GLN A 188 0.20 -7.43 3.97
N GLY A 189 -0.02 -6.16 3.63
CA GLY A 189 -0.98 -5.83 2.60
C GLY A 189 -0.56 -4.64 1.77
N ILE A 190 -1.24 -4.53 0.63
CA ILE A 190 -1.12 -3.40 -0.29
C ILE A 190 -2.55 -2.89 -0.51
N VAL A 191 -2.75 -1.57 -0.37
CA VAL A 191 -4.08 -0.99 -0.63
C VAL A 191 -4.47 -1.25 -2.07
N SER A 192 -5.60 -1.94 -2.28
CA SER A 192 -5.99 -2.41 -3.61
C SER A 192 -7.34 -1.85 -4.07
N TRP A 193 -8.46 -2.21 -3.44
CA TRP A 193 -9.75 -1.81 -3.97
C TRP A 193 -10.82 -1.86 -2.89
N GLY A 194 -12.03 -1.48 -3.29
CA GLY A 194 -13.21 -1.62 -2.45
C GLY A 194 -14.37 -1.00 -3.21
N SER A 195 -15.51 -0.90 -2.58
CA SER A 195 -16.66 -0.21 -3.16
CA SER A 195 -16.66 -0.22 -3.16
C SER A 195 -16.85 1.10 -2.42
N GLY A 196 -16.41 2.19 -3.03
CA GLY A 196 -16.42 3.44 -2.33
C GLY A 196 -15.41 3.44 -1.18
N CYS A 197 -15.65 4.32 -0.23
CA CYS A 197 -14.78 4.46 0.94
C CYS A 197 -15.63 4.62 2.17
N ALA A 198 -15.36 3.80 3.18
CA ALA A 198 -15.93 3.96 4.50
C ALA A 198 -17.43 3.74 4.54
N GLN A 199 -17.97 2.98 3.58
CA GLN A 199 -19.40 2.67 3.57
C GLN A 199 -19.65 1.45 4.42
N LYS A 200 -20.86 1.38 4.97
CA LYS A 200 -21.26 0.23 5.76
C LYS A 200 -21.17 -1.05 4.94
N ASN A 201 -20.63 -2.10 5.56
CA ASN A 201 -20.55 -3.44 4.96
C ASN A 201 -19.70 -3.52 3.70
N LYS A 202 -18.81 -2.54 3.51
CA LYS A 202 -17.93 -2.50 2.32
C LYS A 202 -16.53 -2.09 2.77
N PRO A 203 -15.83 -2.99 3.45
CA PRO A 203 -14.49 -2.67 3.93
C PRO A 203 -13.50 -2.65 2.78
N GLY A 204 -12.30 -2.16 3.07
CA GLY A 204 -11.25 -2.19 2.06
C GLY A 204 -10.73 -3.58 1.82
N VAL A 205 -10.24 -3.78 0.60
CA VAL A 205 -9.66 -5.04 0.15
C VAL A 205 -8.19 -4.78 -0.22
N TYR A 206 -7.34 -5.71 0.22
CA TYR A 206 -5.90 -5.54 0.21
C TYR A 206 -5.24 -6.76 -0.41
N THR A 207 -4.16 -6.53 -1.16
CA THR A 207 -3.38 -7.63 -1.71
C THR A 207 -2.64 -8.33 -0.57
N LYS A 208 -2.70 -9.66 -0.56
CA LYS A 208 -2.15 -10.47 0.54
C LYS A 208 -0.67 -10.76 0.26
N VAL A 209 0.21 -9.91 0.79
CA VAL A 209 1.63 -9.92 0.46
C VAL A 209 2.29 -11.24 0.80
N CYS A 210 1.86 -11.93 1.88
CA CYS A 210 2.54 -13.17 2.24
C CYS A 210 2.52 -14.21 1.13
N ASN A 211 1.58 -14.14 0.19
CA ASN A 211 1.53 -15.08 -0.93
C ASN A 211 2.56 -14.79 -2.01
N TYR A 212 3.24 -13.66 -1.94
CA TYR A 212 4.11 -13.18 -3.00
C TYR A 212 5.57 -13.10 -2.60
N VAL A 213 5.93 -13.53 -1.38
CA VAL A 213 7.30 -13.32 -0.92
C VAL A 213 8.30 -14.04 -1.81
N SER A 214 8.01 -15.26 -2.25
CA SER A 214 8.95 -15.97 -3.11
CA SER A 214 8.95 -15.97 -3.11
CA SER A 214 8.95 -15.97 -3.11
C SER A 214 9.15 -15.24 -4.43
N TRP A 215 8.07 -14.77 -5.04
CA TRP A 215 8.19 -14.01 -6.29
C TRP A 215 9.00 -12.74 -6.08
N ILE A 216 8.73 -12.01 -4.99
CA ILE A 216 9.47 -10.79 -4.73
C ILE A 216 10.95 -11.08 -4.61
N LYS A 217 11.31 -12.07 -3.78
CA LYS A 217 12.70 -12.34 -3.54
C LYS A 217 13.43 -12.81 -4.80
N GLN A 218 12.78 -13.67 -5.58
CA GLN A 218 13.42 -14.16 -6.80
C GLN A 218 13.57 -13.05 -7.83
N THR A 219 12.59 -12.17 -7.91
CA THR A 219 12.65 -11.08 -8.89
C THR A 219 13.75 -10.09 -8.53
N ILE A 220 13.85 -9.73 -7.25
CA ILE A 220 14.91 -8.81 -6.85
C ILE A 220 16.28 -9.43 -7.08
N ALA A 221 16.43 -10.73 -6.83
CA ALA A 221 17.73 -11.38 -6.97
C ALA A 221 18.26 -11.38 -8.40
N SER A 222 17.37 -11.25 -9.39
CA SER A 222 17.76 -11.38 -10.79
CA SER A 222 17.77 -11.39 -10.80
C SER A 222 17.58 -10.12 -11.61
N ASN A 223 17.24 -9.00 -10.98
CA ASN A 223 17.00 -7.74 -11.70
C ASN A 223 17.71 -6.59 -11.03
CA CA B . 7.75 17.31 1.16
N UFZ C . -12.05 1.85 0.36
C UFZ C . -11.04 0.97 -0.29
C1 UFZ C . -10.42 1.62 -1.49
C2 UFZ C . -9.06 1.78 -1.56
C3 UFZ C . -8.46 2.35 -2.67
C4 UFZ C . -9.23 2.75 -3.72
C5 UFZ C . -10.59 2.59 -3.67
C6 UFZ C . -11.18 2.03 -2.55
DN3 UFZ C . -11.61 2.73 0.63
DN1 UFZ C . -12.43 1.41 1.21
DN2 UFZ C . -12.83 2.04 -0.27
H1 UFZ C . -11.52 0.03 -0.56
H2A UFZ C . -10.29 0.70 0.46
H2 UFZ C . -8.42 1.47 -0.74
H3 UFZ C . -7.38 2.47 -2.73
H4 UFZ C . -8.76 3.20 -4.60
H5 UFZ C . -11.21 2.91 -4.51
H6 UFZ C . -12.27 1.90 -2.54
S SO4 D . -7.15 4.62 -7.09
O1 SO4 D . -7.26 3.19 -7.21
O2 SO4 D . -8.44 5.24 -7.29
O3 SO4 D . -6.62 4.94 -5.78
O4 SO4 D . -6.21 5.09 -8.08
S SO4 E . 6.05 -12.40 10.90
O1 SO4 E . 5.59 -13.68 11.40
O2 SO4 E . 5.34 -11.33 11.59
O3 SO4 E . 7.49 -12.32 11.14
O4 SO4 E . 5.74 -12.36 9.48
S SO4 F . 20.29 -3.04 -13.81
O1 SO4 F . 19.65 -3.92 -14.77
O2 SO4 F . 19.29 -2.18 -13.17
O3 SO4 F . 20.97 -3.84 -12.79
O4 SO4 F . 21.26 -2.20 -14.50
#